data_3WMZ
#
_entry.id   3WMZ
#
_cell.length_a   97.285
_cell.length_b   97.285
_cell.length_c   103.480
_cell.angle_alpha   90.00
_cell.angle_beta   90.00
_cell.angle_gamma   90.00
#
_symmetry.space_group_name_H-M   'P 41 21 2'
#
loop_
_entity.id
_entity.type
_entity.pdbx_description
1 polymer 'Extracellular exo-alpha-L-arabinofuranosidase'
2 non-polymer 'CALCIUM ION'
3 non-polymer 2-AMINO-2-HYDROXYMETHYL-PROPANE-1,3-DIOL
4 non-polymer 'ETHYL MERCURY ION'
5 water water
#
_entity_poly.entity_id   1
_entity_poly.type   'polypeptide(L)'
_entity_poly.pdbx_seq_one_letter_code
;AGSGALRGAGSNRCLDVLGGSQDDGALLQLYDCWGGTNQQWTSTDTGRLTVYGDKCLDVPGHATAPGTRVQIWSCSGGAN
QQWRVNSDGTVVGVESGLCLEAAGAGTANGTAVQLWTCNGGGNQKWTGLTGTPPTDGTCALPSTYRWSSTGVLAQPKSGW
VALKDFTTVTHNGRHLVYGSTSSGSSYGSMVFSPFTNWSDMASAGQNAMNQAAVAPTLFYFAPKNIWVLAYQWGSWPFIY
RTSSDPTDPNGWSAPQPLFTGSISGSDTGPIDQTLIADGQNMYLFFAGDNGKIYRASMPIGNFPGNFGSSYTTIMSDTKA
NLFEGVQVYKVQGQNQYLMIVEAMGANGRYFRSFTASSLSGSWTPQAASEGNPFAGKANSGATWTNDISHGDLVRDNPDQ
TMTVDPCNLQFLYQGKSPNAGGDYNSLPWRPGVLTLRR
;
_entity_poly.pdbx_strand_id   A
#
# COMPACT_ATOMS: atom_id res chain seq x y z
N GLY A 137 -8.42 -10.22 25.01
CA GLY A 137 -7.08 -9.72 24.61
C GLY A 137 -7.07 -8.97 23.29
N THR A 138 -8.25 -8.52 22.87
CA THR A 138 -8.40 -7.79 21.61
C THR A 138 -8.35 -6.28 21.84
N CYS A 139 -7.95 -5.52 20.82
CA CYS A 139 -7.92 -4.07 20.90
C CYS A 139 -8.88 -3.44 19.88
N ALA A 140 -9.21 -2.18 20.09
CA ALA A 140 -10.00 -1.41 19.13
C ALA A 140 -9.11 -0.34 18.50
N LEU A 141 -9.46 0.10 17.29
CA LEU A 141 -8.81 1.26 16.70
C LEU A 141 -9.11 2.50 17.53
N PRO A 142 -8.11 3.36 17.76
CA PRO A 142 -8.36 4.59 18.51
C PRO A 142 -9.13 5.60 17.67
N SER A 143 -9.73 6.60 18.32
CA SER A 143 -10.41 7.68 17.60
C SER A 143 -9.41 8.74 17.17
N THR A 144 -8.35 8.90 17.96
CA THR A 144 -7.26 9.80 17.64
C THR A 144 -5.97 8.99 17.60
N TYR A 145 -5.23 9.11 16.51
CA TYR A 145 -3.98 8.36 16.35
C TYR A 145 -2.77 9.17 16.80
N ARG A 146 -1.88 8.52 17.55
CA ARG A 146 -0.59 9.10 17.91
C ARG A 146 0.50 8.07 17.61
N TRP A 147 1.49 8.46 16.80
CA TRP A 147 2.56 7.56 16.42
C TRP A 147 3.91 8.04 16.92
N SER A 148 4.87 7.12 17.00
CA SER A 148 6.28 7.48 16.98
C SER A 148 6.85 6.98 15.65
N SER A 149 7.91 7.62 15.17
CA SER A 149 8.47 7.29 13.86
C SER A 149 9.95 6.97 13.91
N THR A 150 10.38 6.05 13.05
CA THR A 150 11.79 5.86 12.77
C THR A 150 12.30 7.05 11.96
N GLY A 151 13.63 7.13 11.82
CA GLY A 151 14.23 7.99 10.81
C GLY A 151 14.15 7.30 9.46
N VAL A 152 14.87 7.81 8.48
CA VAL A 152 14.97 7.16 7.18
C VAL A 152 15.56 5.78 7.37
N LEU A 153 14.90 4.76 6.83
CA LEU A 153 15.29 3.37 7.07
C LEU A 153 16.25 2.78 6.04
N ALA A 154 16.32 3.37 4.86
CA ALA A 154 17.22 2.90 3.80
C ALA A 154 17.41 3.95 2.71
N GLN A 155 18.55 3.90 2.06
CA GLN A 155 18.82 4.72 0.87
C GLN A 155 18.71 3.85 -0.38
N PRO A 156 18.21 4.43 -1.48
CA PRO A 156 18.12 3.65 -2.72
C PRO A 156 19.52 3.31 -3.21
N LYS A 157 19.69 2.11 -3.73
CA LYS A 157 20.99 1.74 -4.28
C LYS A 157 21.27 2.51 -5.58
N SER A 158 22.51 2.45 -6.03
CA SER A 158 22.99 3.23 -7.18
C SER A 158 22.09 3.04 -8.39
N GLY A 159 21.66 4.16 -8.98
CA GLY A 159 20.81 4.13 -10.16
C GLY A 159 19.37 4.53 -9.87
N TRP A 160 18.98 4.43 -8.60
CA TRP A 160 17.64 4.86 -8.17
C TRP A 160 17.71 6.11 -7.31
N VAL A 161 16.75 7.01 -7.52
CA VAL A 161 16.65 8.20 -6.69
CA VAL A 161 16.61 8.24 -6.75
C VAL A 161 15.56 8.08 -5.63
N ALA A 162 14.75 7.02 -5.73
CA ALA A 162 13.64 6.84 -4.78
C ALA A 162 13.25 5.38 -4.61
N LEU A 163 12.77 5.10 -3.41
CA LEU A 163 12.09 3.85 -3.06
C LEU A 163 10.70 4.26 -2.62
N LYS A 164 9.67 3.59 -3.15
CA LYS A 164 8.30 4.08 -3.08
C LYS A 164 7.25 2.98 -2.91
N ASP A 165 6.04 3.40 -2.50
CA ASP A 165 4.81 2.62 -2.67
C ASP A 165 4.88 1.23 -2.05
N PHE A 166 5.38 1.15 -0.82
CA PHE A 166 5.72 -0.14 -0.22
C PHE A 166 4.53 -1.03 0.02
N THR A 167 4.77 -2.34 -0.08
CA THR A 167 3.83 -3.37 0.33
C THR A 167 4.68 -4.36 1.13
N THR A 168 4.18 -4.79 2.28
CA THR A 168 4.98 -5.63 3.17
C THR A 168 4.20 -6.70 3.93
N VAL A 169 4.80 -7.88 4.02
CA VAL A 169 4.28 -8.96 4.85
C VAL A 169 5.42 -9.52 5.70
N THR A 170 5.06 -10.27 6.73
CA THR A 170 6.04 -11.12 7.39
C THR A 170 6.03 -12.49 6.71
N HIS A 171 7.23 -12.96 6.37
CA HIS A 171 7.45 -14.22 5.68
C HIS A 171 8.62 -14.90 6.39
N ASN A 172 8.39 -16.11 6.90
CA ASN A 172 9.41 -16.86 7.64
C ASN A 172 10.09 -16.05 8.76
N GLY A 173 9.27 -15.35 9.54
CA GLY A 173 9.78 -14.53 10.65
C GLY A 173 10.52 -13.27 10.26
N ARG A 174 10.51 -12.91 8.99
CA ARG A 174 11.24 -11.73 8.52
C ARG A 174 10.35 -10.79 7.72
N HIS A 175 10.72 -9.52 7.70
CA HIS A 175 10.03 -8.52 6.87
C HIS A 175 10.36 -8.73 5.40
N LEU A 176 9.30 -8.84 4.60
CA LEU A 176 9.43 -8.92 3.17
C LEU A 176 8.74 -7.69 2.58
N VAL A 177 9.52 -6.88 1.88
CA VAL A 177 9.08 -5.57 1.38
C VAL A 177 9.33 -5.46 -0.12
N TYR A 178 8.26 -5.21 -0.87
CA TYR A 178 8.36 -4.80 -2.28
C TYR A 178 8.08 -3.31 -2.37
N GLY A 179 8.59 -2.69 -3.41
CA GLY A 179 8.29 -1.28 -3.65
C GLY A 179 8.54 -0.89 -5.09
N SER A 180 8.01 0.27 -5.47
CA SER A 180 8.38 0.90 -6.73
C SER A 180 9.76 1.53 -6.58
N THR A 181 10.43 1.71 -7.72
CA THR A 181 11.69 2.45 -7.76
C THR A 181 11.53 3.53 -8.79
N SER A 182 12.32 4.60 -8.65
CA SER A 182 12.41 5.60 -9.70
C SER A 182 13.88 5.93 -9.94
N SER A 183 14.25 6.01 -11.22
CA SER A 183 15.56 6.54 -11.59
C SER A 183 15.44 8.03 -11.88
N GLY A 184 14.23 8.54 -11.76
CA GLY A 184 13.90 9.92 -12.12
C GLY A 184 13.27 9.95 -13.51
N SER A 185 13.82 9.12 -14.41
CA SER A 185 13.37 9.05 -15.79
C SER A 185 12.37 7.91 -16.03
N SER A 186 12.53 6.81 -15.29
CA SER A 186 11.61 5.68 -15.41
C SER A 186 11.34 5.01 -14.06
N TYR A 187 10.20 4.33 -13.97
CA TYR A 187 9.82 3.60 -12.78
C TYR A 187 10.12 2.12 -12.94
N GLY A 188 10.51 1.49 -11.85
CA GLY A 188 10.63 0.04 -11.81
C GLY A 188 10.11 -0.48 -10.50
N SER A 189 10.54 -1.68 -10.13
CA SER A 189 10.19 -2.25 -8.84
C SER A 189 11.32 -3.12 -8.33
N MET A 190 11.21 -3.49 -7.05
CA MET A 190 12.27 -4.20 -6.36
C MET A 190 11.70 -4.89 -5.14
N VAL A 191 12.49 -5.82 -4.60
CA VAL A 191 12.21 -6.41 -3.30
C VAL A 191 13.50 -6.30 -2.48
N PHE A 192 13.37 -5.99 -1.20
CA PHE A 192 14.50 -6.04 -0.28
C PHE A 192 14.77 -7.49 0.09
N SER A 193 16.02 -7.84 0.33
CA SER A 193 16.33 -9.13 0.94
C SER A 193 15.64 -9.18 2.31
N PRO A 194 15.11 -10.35 2.71
CA PRO A 194 14.40 -10.43 4.00
C PRO A 194 15.29 -10.01 5.17
N PHE A 195 14.72 -9.26 6.11
CA PHE A 195 15.44 -8.80 7.29
C PHE A 195 14.52 -8.90 8.50
N THR A 196 15.09 -9.20 9.67
CA THR A 196 14.30 -9.43 10.87
CA THR A 196 14.28 -9.42 10.87
C THR A 196 13.88 -8.12 11.54
N ASN A 197 14.81 -7.15 11.60
CA ASN A 197 14.61 -5.89 12.31
CA ASN A 197 14.57 -5.89 12.29
C ASN A 197 14.60 -4.69 11.36
N TRP A 198 13.67 -3.77 11.56
CA TRP A 198 13.60 -2.55 10.72
C TRP A 198 14.91 -1.77 10.74
N SER A 199 15.62 -1.81 11.87
CA SER A 199 16.92 -1.13 12.00
C SER A 199 18.00 -1.72 11.08
N ASP A 200 17.72 -2.88 10.51
CA ASP A 200 18.62 -3.52 9.55
C ASP A 200 18.16 -3.39 8.10
N MET A 201 17.05 -2.69 7.87
CA MET A 201 16.63 -2.44 6.49
C MET A 201 17.73 -1.71 5.69
N ALA A 202 18.50 -0.86 6.37
CA ALA A 202 19.54 -0.07 5.69
C ALA A 202 20.61 -0.93 5.04
N SER A 203 20.84 -2.13 5.56
CA SER A 203 21.88 -3.01 5.02
C SER A 203 21.31 -4.14 4.15
N ALA A 204 19.98 -4.26 4.08
CA ALA A 204 19.36 -5.33 3.30
C ALA A 204 19.65 -5.18 1.80
N GLY A 205 19.92 -6.29 1.13
CA GLY A 205 20.13 -6.28 -0.33
C GLY A 205 18.89 -5.71 -1.02
N GLN A 206 19.11 -4.96 -2.10
CA GLN A 206 18.02 -4.38 -2.87
C GLN A 206 18.02 -5.04 -4.24
N ASN A 207 16.98 -5.83 -4.51
CA ASN A 207 16.94 -6.71 -5.67
C ASN A 207 15.93 -6.23 -6.70
N ALA A 208 16.44 -5.69 -7.81
CA ALA A 208 15.59 -5.16 -8.88
C ALA A 208 14.79 -6.26 -9.57
N MET A 209 13.54 -5.95 -9.91
CA MET A 209 12.75 -6.85 -10.74
C MET A 209 13.08 -6.55 -12.20
N ASN A 210 13.28 -7.60 -12.99
CA ASN A 210 13.57 -7.45 -14.42
C ASN A 210 12.38 -6.98 -15.26
N GLN A 211 11.18 -7.03 -14.67
CA GLN A 211 9.97 -6.53 -15.29
C GLN A 211 9.21 -5.69 -14.26
N ALA A 212 9.02 -4.40 -14.57
CA ALA A 212 8.45 -3.45 -13.60
C ALA A 212 7.07 -3.82 -13.07
N ALA A 213 6.93 -3.80 -11.74
CA ALA A 213 5.64 -3.96 -11.06
C ALA A 213 5.36 -2.73 -10.21
N VAL A 214 4.94 -1.64 -10.87
CA VAL A 214 4.76 -0.36 -10.20
C VAL A 214 3.57 -0.35 -9.23
N ALA A 215 3.78 0.26 -8.06
CA ALA A 215 2.79 0.34 -6.98
C ALA A 215 2.21 -1.04 -6.63
N PRO A 216 3.08 -1.96 -6.17
CA PRO A 216 2.69 -3.36 -6.04
C PRO A 216 1.87 -3.68 -4.79
N THR A 217 1.13 -4.79 -4.86
CA THR A 217 0.45 -5.36 -3.69
C THR A 217 0.88 -6.81 -3.60
N LEU A 218 1.47 -7.18 -2.47
CA LEU A 218 1.93 -8.55 -2.22
C LEU A 218 1.08 -9.26 -1.17
N PHE A 219 0.66 -10.48 -1.48
CA PHE A 219 -0.01 -11.32 -0.47
C PHE A 219 0.04 -12.79 -0.82
N TYR A 220 -0.23 -13.61 0.19
CA TYR A 220 -0.34 -15.05 0.03
C TYR A 220 -1.81 -15.41 -0.11
N PHE A 221 -2.15 -16.10 -1.19
CA PHE A 221 -3.54 -16.49 -1.43
C PHE A 221 -3.73 -17.93 -0.97
N ALA A 222 -4.20 -18.09 0.27
CA ALA A 222 -4.27 -19.40 0.93
C ALA A 222 -5.11 -20.45 0.20
N PRO A 223 -6.28 -20.07 -0.36
CA PRO A 223 -7.11 -21.09 -1.02
C PRO A 223 -6.43 -21.82 -2.18
N LYS A 224 -5.39 -21.22 -2.76
CA LYS A 224 -4.65 -21.81 -3.87
C LYS A 224 -3.17 -22.04 -3.56
N ASN A 225 -2.76 -21.80 -2.31
CA ASN A 225 -1.36 -21.94 -1.90
C ASN A 225 -0.39 -21.25 -2.88
N ILE A 226 -0.67 -19.99 -3.19
CA ILE A 226 0.14 -19.26 -4.15
C ILE A 226 0.29 -17.82 -3.70
N TRP A 227 1.45 -17.23 -3.98
CA TRP A 227 1.66 -15.81 -3.73
C TRP A 227 1.24 -14.99 -4.94
N VAL A 228 0.76 -13.79 -4.70
CA VAL A 228 0.24 -12.91 -5.74
C VAL A 228 0.92 -11.54 -5.62
N LEU A 229 1.39 -11.04 -6.75
CA LEU A 229 1.91 -9.69 -6.84
C LEU A 229 1.09 -8.93 -7.86
N ALA A 230 0.31 -7.97 -7.38
CA ALA A 230 -0.53 -7.15 -8.24
C ALA A 230 0.08 -5.77 -8.42
N TYR A 231 -0.17 -5.14 -9.56
CA TYR A 231 0.49 -3.88 -9.89
C TYR A 231 -0.17 -3.19 -11.07
N GLN A 232 0.35 -2.00 -11.40
CA GLN A 232 -0.18 -1.21 -12.50
C GLN A 232 0.85 -1.03 -13.62
N TRP A 233 0.38 -0.57 -14.77
CA TRP A 233 1.23 -0.26 -15.93
C TRP A 233 1.85 -1.51 -16.56
N GLY A 234 1.31 -1.87 -17.72
CA GLY A 234 1.71 -3.08 -18.42
C GLY A 234 0.70 -3.31 -19.52
N SER A 235 0.40 -4.57 -19.82
CA SER A 235 -0.52 -4.90 -20.90
C SER A 235 -1.97 -4.56 -20.57
N TRP A 236 -2.27 -4.40 -19.28
CA TRP A 236 -3.62 -4.05 -18.82
C TRP A 236 -3.52 -2.99 -17.72
N PRO A 237 -4.62 -2.23 -17.43
CA PRO A 237 -4.60 -1.22 -16.36
C PRO A 237 -4.08 -1.76 -15.01
N PHE A 238 -4.61 -2.89 -14.54
CA PHE A 238 -3.97 -3.62 -13.44
C PHE A 238 -3.63 -5.04 -13.87
N ILE A 239 -2.55 -5.56 -13.27
CA ILE A 239 -1.92 -6.80 -13.66
C ILE A 239 -1.57 -7.58 -12.40
N TYR A 240 -1.50 -8.91 -12.51
CA TYR A 240 -0.87 -9.70 -11.43
C TYR A 240 0.01 -10.82 -11.96
N ARG A 241 0.92 -11.26 -11.09
CA ARG A 241 1.77 -12.41 -11.33
C ARG A 241 1.70 -13.30 -10.10
N THR A 242 2.07 -14.57 -10.25
CA THR A 242 2.03 -15.52 -9.13
C THR A 242 3.39 -16.17 -8.91
N SER A 243 3.60 -16.69 -7.70
CA SER A 243 4.88 -17.31 -7.37
C SER A 243 4.76 -18.22 -6.16
N SER A 244 5.67 -19.19 -6.06
CA SER A 244 5.77 -20.03 -4.87
CA SER A 244 5.77 -20.04 -4.88
C SER A 244 6.85 -19.51 -3.93
N ASP A 245 7.62 -18.52 -4.40
CA ASP A 245 8.68 -17.94 -3.59
C ASP A 245 8.76 -16.42 -3.78
N PRO A 246 8.09 -15.68 -2.88
CA PRO A 246 7.97 -14.23 -3.05
C PRO A 246 9.27 -13.47 -2.77
N THR A 247 10.30 -14.16 -2.28
CA THR A 247 11.61 -13.50 -2.05
C THR A 247 12.36 -13.24 -3.36
N ASP A 248 12.02 -13.98 -4.40
CA ASP A 248 12.72 -13.89 -5.69
C ASP A 248 12.05 -12.84 -6.56
N PRO A 249 12.77 -11.74 -6.89
CA PRO A 249 12.19 -10.67 -7.71
C PRO A 249 11.83 -11.12 -9.12
N ASN A 250 12.45 -12.21 -9.57
CA ASN A 250 12.25 -12.70 -10.94
C ASN A 250 11.70 -14.13 -11.00
N GLY A 251 11.13 -14.59 -9.88
CA GLY A 251 10.49 -15.90 -9.85
C GLY A 251 9.00 -15.84 -10.17
N TRP A 252 8.51 -14.65 -10.52
CA TRP A 252 7.08 -14.44 -10.76
C TRP A 252 6.66 -14.93 -12.14
N SER A 253 5.44 -15.46 -12.23
CA SER A 253 4.87 -16.01 -13.46
C SER A 253 4.66 -14.93 -14.53
N ALA A 254 4.26 -15.36 -15.71
CA ALA A 254 3.85 -14.44 -16.77
C ALA A 254 2.71 -13.54 -16.26
N PRO A 255 2.73 -12.25 -16.64
CA PRO A 255 1.67 -11.33 -16.21
C PRO A 255 0.28 -11.75 -16.69
N GLN A 256 -0.72 -11.53 -15.85
CA GLN A 256 -2.13 -11.83 -16.14
C GLN A 256 -2.97 -10.57 -15.90
N PRO A 257 -4.09 -10.41 -16.64
CA PRO A 257 -4.98 -9.27 -16.45
C PRO A 257 -5.69 -9.33 -15.09
N LEU A 258 -5.66 -8.23 -14.36
CA LEU A 258 -6.39 -8.09 -13.10
C LEU A 258 -7.61 -7.19 -13.27
N PHE A 259 -7.45 -6.13 -14.05
CA PHE A 259 -8.53 -5.16 -14.26
C PHE A 259 -8.33 -4.51 -15.63
N THR A 260 -9.42 -4.35 -16.38
CA THR A 260 -9.35 -3.83 -17.76
C THR A 260 -10.23 -2.60 -17.99
N GLY A 261 -10.73 -2.02 -16.90
CA GLY A 261 -11.64 -0.88 -17.01
C GLY A 261 -10.97 0.46 -17.19
N SER A 262 -11.79 1.48 -17.39
CA SER A 262 -11.31 2.86 -17.51
C SER A 262 -12.22 3.76 -16.69
N ILE A 263 -11.66 4.88 -16.22
CA ILE A 263 -12.42 5.80 -15.39
C ILE A 263 -12.49 7.18 -16.04
N SER A 264 -13.54 7.94 -15.73
CA SER A 264 -13.72 9.28 -16.27
C SER A 264 -13.04 10.33 -15.40
N GLY A 265 -12.68 11.45 -16.02
CA GLY A 265 -12.12 12.59 -15.31
C GLY A 265 -10.88 12.27 -14.49
N SER A 266 -9.94 11.55 -15.12
CA SER A 266 -8.68 11.18 -14.48
C SER A 266 -7.53 11.29 -15.48
N ASP A 267 -6.49 12.00 -15.06
CA ASP A 267 -5.26 12.15 -15.86
C ASP A 267 -4.41 10.88 -15.83
N THR A 268 -4.63 10.04 -14.83
CA THR A 268 -3.77 8.88 -14.61
C THR A 268 -4.40 7.56 -15.07
N GLY A 269 -5.73 7.51 -15.06
CA GLY A 269 -6.44 6.24 -15.17
C GLY A 269 -6.41 5.55 -13.81
N PRO A 270 -6.91 4.30 -13.74
CA PRO A 270 -6.90 3.57 -12.48
C PRO A 270 -5.48 3.42 -11.93
N ILE A 271 -5.29 3.74 -10.65
CA ILE A 271 -3.97 3.63 -10.02
C ILE A 271 -4.09 3.12 -8.58
N ASP A 272 -2.96 2.64 -8.07
CA ASP A 272 -2.81 2.27 -6.66
C ASP A 272 -3.86 1.27 -6.19
N GLN A 273 -3.96 0.15 -6.91
CA GLN A 273 -4.86 -0.94 -6.50
C GLN A 273 -4.45 -1.53 -5.16
N THR A 274 -5.42 -2.08 -4.46
CA THR A 274 -5.13 -3.07 -3.45
C THR A 274 -6.16 -4.19 -3.62
N LEU A 275 -5.88 -5.32 -2.99
CA LEU A 275 -6.77 -6.47 -3.04
C LEU A 275 -7.01 -6.93 -1.61
N ILE A 276 -8.23 -7.35 -1.34
CA ILE A 276 -8.57 -7.86 -0.02
C ILE A 276 -9.79 -8.77 -0.15
N ALA A 277 -9.74 -9.90 0.54
CA ALA A 277 -10.84 -10.86 0.56
C ALA A 277 -11.37 -11.03 1.96
N ASP A 278 -12.69 -11.23 2.07
CA ASP A 278 -13.25 -11.78 3.31
C ASP A 278 -13.38 -13.29 3.12
N GLY A 279 -14.28 -13.94 3.85
CA GLY A 279 -14.47 -15.38 3.67
C GLY A 279 -15.17 -15.77 2.37
N GLN A 280 -15.78 -14.79 1.70
CA GLN A 280 -16.68 -15.07 0.56
C GLN A 280 -16.27 -14.44 -0.76
N ASN A 281 -15.78 -13.20 -0.72
CA ASN A 281 -15.53 -12.45 -1.94
C ASN A 281 -14.13 -11.83 -1.94
N MET A 282 -13.54 -11.71 -3.13
CA MET A 282 -12.30 -10.95 -3.32
C MET A 282 -12.63 -9.56 -3.86
N TYR A 283 -12.04 -8.54 -3.24
CA TYR A 283 -12.31 -7.16 -3.61
C TYR A 283 -11.07 -6.49 -4.16
N LEU A 284 -11.29 -5.64 -5.15
CA LEU A 284 -10.28 -4.75 -5.70
C LEU A 284 -10.72 -3.33 -5.36
N PHE A 285 -9.84 -2.56 -4.73
CA PHE A 285 -10.07 -1.14 -4.50
C PHE A 285 -8.99 -0.37 -5.23
N PHE A 286 -9.32 0.80 -5.76
CA PHE A 286 -8.33 1.63 -6.44
C PHE A 286 -8.74 3.09 -6.46
N ALA A 287 -7.83 3.94 -6.93
CA ALA A 287 -8.05 5.38 -6.96
C ALA A 287 -7.83 5.90 -8.37
N GLY A 288 -7.93 7.22 -8.54
CA GLY A 288 -7.75 7.81 -9.86
C GLY A 288 -7.15 9.20 -9.89
N ASP A 289 -6.47 9.59 -8.81
CA ASP A 289 -5.94 10.96 -8.67
C ASP A 289 -7.02 11.99 -8.97
N ASN A 290 -8.26 11.73 -8.56
CA ASN A 290 -9.40 12.54 -8.99
C ASN A 290 -10.52 12.70 -7.97
N GLY A 291 -10.25 12.31 -6.72
CA GLY A 291 -11.22 12.47 -5.65
C GLY A 291 -12.20 11.30 -5.49
N LYS A 292 -12.01 10.26 -6.28
CA LYS A 292 -12.87 9.07 -6.19
C LYS A 292 -12.12 7.83 -5.76
N ILE A 293 -12.84 6.95 -5.06
CA ILE A 293 -12.36 5.60 -4.74
C ILE A 293 -13.33 4.61 -5.39
N TYR A 294 -12.76 3.57 -5.99
CA TYR A 294 -13.53 2.62 -6.79
C TYR A 294 -13.36 1.23 -6.21
N ARG A 295 -14.34 0.37 -6.47
CA ARG A 295 -14.33 -0.98 -5.93
C ARG A 295 -14.88 -1.98 -6.95
N ALA A 296 -14.24 -3.15 -7.02
CA ALA A 296 -14.77 -4.26 -7.82
C ALA A 296 -14.74 -5.51 -6.97
N SER A 297 -15.52 -6.52 -7.34
CA SER A 297 -15.55 -7.74 -6.54
C SER A 297 -15.81 -8.97 -7.40
N MET A 298 -15.39 -10.11 -6.88
CA MET A 298 -15.70 -11.40 -7.50
C MET A 298 -15.82 -12.43 -6.38
N PRO A 299 -16.62 -13.50 -6.62
CA PRO A 299 -16.58 -14.62 -5.69
C PRO A 299 -15.14 -15.09 -5.57
N ILE A 300 -14.73 -15.43 -4.35
CA ILE A 300 -13.33 -15.74 -4.06
C ILE A 300 -12.83 -17.00 -4.81
N GLY A 301 -13.75 -17.92 -5.12
CA GLY A 301 -13.42 -19.13 -5.90
C GLY A 301 -12.99 -18.82 -7.34
N ASN A 302 -13.28 -17.62 -7.82
CA ASN A 302 -12.87 -17.17 -9.17
C ASN A 302 -11.51 -16.46 -9.22
N PHE A 303 -10.88 -16.30 -8.07
CA PHE A 303 -9.55 -15.68 -7.97
C PHE A 303 -8.49 -16.76 -7.76
N PRO A 304 -7.27 -16.59 -8.33
CA PRO A 304 -6.79 -15.47 -9.16
C PRO A 304 -7.49 -15.39 -10.51
N GLY A 305 -7.79 -14.18 -10.93
CA GLY A 305 -8.49 -13.96 -12.17
C GLY A 305 -8.66 -12.49 -12.46
N ASN A 306 -9.35 -12.23 -13.56
CA ASN A 306 -9.56 -10.89 -14.07
C ASN A 306 -10.89 -10.34 -13.57
N PHE A 307 -10.87 -9.20 -12.90
CA PHE A 307 -12.12 -8.52 -12.52
C PHE A 307 -12.87 -7.99 -13.73
N GLY A 308 -12.20 -7.87 -14.87
CA GLY A 308 -12.82 -7.30 -16.07
C GLY A 308 -12.86 -5.79 -16.02
N SER A 309 -13.87 -5.19 -16.63
CA SER A 309 -13.91 -3.74 -16.81
C SER A 309 -14.82 -3.00 -15.82
N SER A 310 -15.68 -3.75 -15.14
CA SER A 310 -16.71 -3.14 -14.30
C SER A 310 -16.21 -2.74 -12.91
N TYR A 311 -16.78 -1.66 -12.39
CA TYR A 311 -16.43 -1.20 -11.05
C TYR A 311 -17.58 -0.40 -10.45
N THR A 312 -17.50 -0.17 -9.15
CA THR A 312 -18.44 0.66 -8.41
C THR A 312 -17.67 1.89 -7.91
N THR A 313 -18.26 3.07 -8.06
CA THR A 313 -17.70 4.28 -7.46
C THR A 313 -18.24 4.38 -6.05
N ILE A 314 -17.39 4.13 -5.06
CA ILE A 314 -17.85 4.04 -3.67
C ILE A 314 -17.68 5.32 -2.86
N MET A 315 -16.77 6.18 -3.30
CA MET A 315 -16.50 7.45 -2.62
C MET A 315 -16.20 8.53 -3.64
N SER A 316 -16.63 9.75 -3.33
CA SER A 316 -16.46 10.87 -4.23
C SER A 316 -16.26 12.14 -3.41
N ASP A 317 -15.11 12.79 -3.59
CA ASP A 317 -14.78 13.98 -2.84
C ASP A 317 -13.88 14.85 -3.71
N THR A 318 -13.31 15.92 -3.15
CA THR A 318 -12.34 16.72 -3.90
C THR A 318 -11.11 15.87 -4.19
N LYS A 319 -10.40 16.24 -5.25
CA LYS A 319 -9.15 15.62 -5.65
C LYS A 319 -8.16 15.53 -4.49
N ALA A 320 -8.00 16.64 -3.77
CA ALA A 320 -7.11 16.70 -2.62
C ALA A 320 -7.51 15.74 -1.49
N ASN A 321 -8.82 15.56 -1.28
CA ASN A 321 -9.34 14.75 -0.17
C ASN A 321 -9.23 13.24 -0.35
N LEU A 322 -9.33 12.78 -1.59
CA LEU A 322 -9.25 11.35 -1.89
C LEU A 322 -8.38 11.17 -3.12
N PHE A 323 -7.07 11.25 -2.91
CA PHE A 323 -6.15 11.36 -4.02
C PHE A 323 -5.69 10.01 -4.57
N GLU A 324 -4.98 9.22 -3.75
CA GLU A 324 -4.41 7.96 -4.21
C GLU A 324 -3.98 7.09 -3.03
N GLY A 325 -3.17 6.06 -3.29
CA GLY A 325 -2.58 5.23 -2.22
C GLY A 325 -3.60 4.55 -1.29
N VAL A 326 -4.73 4.14 -1.86
CA VAL A 326 -5.78 3.52 -1.05
C VAL A 326 -5.35 2.14 -0.56
N GLN A 327 -5.59 1.87 0.72
CA GLN A 327 -5.36 0.53 1.28
C GLN A 327 -6.56 0.13 2.12
N VAL A 328 -6.83 -1.18 2.18
CA VAL A 328 -7.95 -1.68 2.98
C VAL A 328 -7.49 -2.89 3.79
N TYR A 329 -7.95 -2.98 5.04
CA TYR A 329 -7.50 -4.03 5.96
C TYR A 329 -8.65 -4.55 6.79
N LYS A 330 -8.52 -5.80 7.25
CA LYS A 330 -9.41 -6.35 8.26
C LYS A 330 -8.81 -6.04 9.64
N VAL A 331 -9.63 -5.46 10.52
CA VAL A 331 -9.21 -5.20 11.90
C VAL A 331 -9.43 -6.48 12.71
N GLN A 332 -8.34 -7.11 13.13
CA GLN A 332 -8.39 -8.34 13.90
C GLN A 332 -9.15 -8.12 15.20
N GLY A 333 -10.05 -9.05 15.51
CA GLY A 333 -10.81 -9.03 16.77
C GLY A 333 -12.02 -8.12 16.79
N GLN A 334 -12.32 -7.49 15.65
CA GLN A 334 -13.45 -6.57 15.53
C GLN A 334 -14.19 -6.87 14.23
N ASN A 335 -15.49 -6.64 14.20
CA ASN A 335 -16.27 -6.80 12.96
C ASN A 335 -16.18 -5.50 12.14
N GLN A 336 -14.97 -5.23 11.65
CA GLN A 336 -14.64 -3.92 11.14
C GLN A 336 -13.49 -3.97 10.14
N TYR A 337 -13.61 -3.16 9.09
CA TYR A 337 -12.57 -3.00 8.10
C TYR A 337 -12.10 -1.56 8.14
N LEU A 338 -10.81 -1.38 7.84
CA LEU A 338 -10.17 -0.08 7.87
C LEU A 338 -9.73 0.27 6.47
N MET A 339 -10.12 1.44 5.98
CA MET A 339 -9.60 1.95 4.73
C MET A 339 -8.78 3.19 5.04
N ILE A 340 -7.63 3.31 4.40
CA ILE A 340 -6.84 4.55 4.47
C ILE A 340 -6.66 5.06 3.05
N VAL A 341 -6.70 6.38 2.88
CA VAL A 341 -6.55 6.98 1.57
C VAL A 341 -5.60 8.17 1.71
N GLU A 342 -4.65 8.29 0.78
CA GLU A 342 -3.72 9.40 0.78
C GLU A 342 -4.37 10.67 0.26
N ALA A 343 -4.18 11.75 1.00
CA ALA A 343 -4.75 13.04 0.65
C ALA A 343 -3.62 14.07 0.52
N MET A 344 -3.91 15.16 -0.20
CA MET A 344 -2.97 16.26 -0.32
C MET A 344 -3.36 17.33 0.70
N GLY A 345 -2.51 17.54 1.69
CA GLY A 345 -2.79 18.53 2.73
C GLY A 345 -2.04 19.83 2.48
N ALA A 346 -2.38 20.86 3.26
CA ALA A 346 -1.67 22.13 3.23
C ALA A 346 -0.19 21.93 3.60
N ASN A 347 0.08 21.00 4.51
CA ASN A 347 1.43 20.78 5.02
C ASN A 347 2.18 19.63 4.35
N GLY A 348 1.45 18.77 3.66
CA GLY A 348 2.05 17.69 2.90
C GLY A 348 1.06 16.53 2.76
N ARG A 349 1.55 15.41 2.23
CA ARG A 349 0.71 14.22 2.09
C ARG A 349 0.37 13.65 3.44
N TYR A 350 -0.88 13.18 3.59
CA TYR A 350 -1.30 12.53 4.82
C TYR A 350 -2.36 11.50 4.48
N PHE A 351 -2.72 10.68 5.46
CA PHE A 351 -3.75 9.67 5.28
C PHE A 351 -5.00 9.96 6.09
N ARG A 352 -6.14 9.77 5.42
CA ARG A 352 -7.46 9.83 6.06
C ARG A 352 -7.96 8.39 6.19
N SER A 353 -8.55 8.07 7.34
CA SER A 353 -9.10 6.72 7.57
C SER A 353 -10.62 6.70 7.59
N PHE A 354 -11.18 5.53 7.27
CA PHE A 354 -12.61 5.28 7.21
C PHE A 354 -12.81 3.86 7.68
N THR A 355 -13.99 3.57 8.24
CA THR A 355 -14.31 2.21 8.68
C THR A 355 -15.61 1.71 8.06
N ALA A 356 -15.72 0.39 7.97
CA ALA A 356 -16.93 -0.28 7.49
C ALA A 356 -17.10 -1.58 8.27
N SER A 357 -18.34 -2.08 8.35
CA SER A 357 -18.58 -3.35 9.02
C SER A 357 -18.50 -4.51 8.03
N SER A 358 -18.47 -4.16 6.74
CA SER A 358 -18.41 -5.14 5.66
C SER A 358 -17.69 -4.54 4.45
N LEU A 359 -16.99 -5.36 3.69
CA LEU A 359 -16.23 -4.88 2.53
C LEU A 359 -17.09 -4.33 1.40
N SER A 360 -18.35 -4.75 1.33
CA SER A 360 -19.27 -4.20 0.34
C SER A 360 -20.14 -3.09 0.94
N GLY A 361 -19.85 -2.72 2.18
CA GLY A 361 -20.64 -1.72 2.90
C GLY A 361 -20.20 -0.28 2.70
N SER A 362 -20.91 0.63 3.35
CA SER A 362 -20.59 2.06 3.31
C SER A 362 -19.40 2.37 4.21
N TRP A 363 -18.64 3.39 3.85
CA TRP A 363 -17.46 3.80 4.61
C TRP A 363 -17.70 5.06 5.43
N THR A 364 -17.45 4.97 6.73
CA THR A 364 -17.66 6.12 7.63
C THR A 364 -16.32 6.78 7.95
N PRO A 365 -16.21 8.11 7.70
CA PRO A 365 -14.98 8.81 8.06
C PRO A 365 -14.60 8.55 9.52
N GLN A 366 -13.32 8.27 9.76
CA GLN A 366 -12.84 8.01 11.11
C GLN A 366 -11.89 9.13 11.51
N ALA A 367 -10.60 8.98 11.20
CA ALA A 367 -9.65 10.08 11.38
C ALA A 367 -9.36 10.66 10.00
N ALA A 368 -10.16 11.64 9.60
CA ALA A 368 -10.29 11.99 8.20
C ALA A 368 -10.10 13.49 7.88
N SER A 369 -9.29 14.18 8.67
CA SER A 369 -8.91 15.55 8.35
C SER A 369 -7.41 15.74 8.56
N GLU A 370 -6.83 16.77 7.97
CA GLU A 370 -5.39 17.01 8.13
C GLU A 370 -5.01 17.23 9.59
N GLY A 371 -5.89 17.88 10.35
CA GLY A 371 -5.68 18.15 11.77
C GLY A 371 -5.84 16.95 12.66
N ASN A 372 -6.67 16.00 12.22
CA ASN A 372 -6.87 14.74 12.93
C ASN A 372 -6.80 13.56 11.94
N PRO A 373 -5.59 13.26 11.43
CA PRO A 373 -5.45 12.27 10.37
C PRO A 373 -5.22 10.86 10.90
N PHE A 374 -5.35 9.87 10.04
CA PHE A 374 -4.85 8.54 10.37
C PHE A 374 -3.34 8.64 10.64
N ALA A 375 -2.62 9.27 9.71
CA ALA A 375 -1.17 9.49 9.84
C ALA A 375 -0.74 10.67 9.00
N GLY A 376 -0.02 11.60 9.61
CA GLY A 376 0.43 12.79 8.89
C GLY A 376 1.33 13.61 9.77
N LYS A 377 1.75 14.77 9.26
CA LYS A 377 2.62 15.66 10.04
C LYS A 377 2.05 15.94 11.43
N ALA A 378 0.74 16.00 11.54
CA ALA A 378 0.06 16.27 12.81
C ALA A 378 0.35 15.26 13.92
N ASN A 379 0.59 14.00 13.57
CA ASN A 379 0.68 12.94 14.58
C ASN A 379 1.70 11.83 14.32
N SER A 380 2.56 12.00 13.31
CA SER A 380 3.51 10.95 12.93
C SER A 380 4.69 10.83 13.88
N GLY A 381 5.10 11.96 14.46
CA GLY A 381 6.32 12.00 15.25
C GLY A 381 7.59 11.94 14.39
N ALA A 382 7.43 12.02 13.07
CA ALA A 382 8.58 12.00 12.16
C ALA A 382 9.26 13.36 12.13
N THR A 383 10.58 13.37 12.22
CA THR A 383 11.33 14.63 12.24
C THR A 383 11.96 14.95 10.89
N TRP A 384 11.92 13.99 9.97
CA TRP A 384 12.66 14.08 8.71
C TRP A 384 11.80 14.32 7.47
N THR A 385 10.48 14.26 7.66
CA THR A 385 9.55 14.40 6.55
C THR A 385 8.28 15.11 7.00
N ASN A 386 7.73 15.96 6.15
CA ASN A 386 6.43 16.56 6.39
C ASN A 386 5.32 15.78 5.67
N ASP A 387 5.74 14.81 4.86
CA ASP A 387 4.83 13.95 4.10
C ASP A 387 4.79 12.55 4.67
N ILE A 388 3.58 12.02 4.84
CA ILE A 388 3.38 10.60 5.12
C ILE A 388 2.60 10.08 3.93
N SER A 389 3.23 9.24 3.13
CA SER A 389 2.71 8.92 1.80
C SER A 389 2.78 7.42 1.48
N HIS A 390 2.17 7.05 0.34
CA HIS A 390 1.95 5.67 -0.11
C HIS A 390 2.79 4.57 0.55
N GLY A 391 2.15 3.75 1.37
CA GLY A 391 2.79 2.58 1.96
C GLY A 391 1.81 1.49 2.33
N ASP A 392 2.08 0.79 3.44
CA ASP A 392 1.28 -0.38 3.83
C ASP A 392 1.41 -0.53 5.33
N LEU A 393 0.28 -0.79 6.00
CA LEU A 393 0.35 -1.25 7.38
C LEU A 393 1.11 -2.58 7.40
N VAL A 394 1.83 -2.83 8.48
CA VAL A 394 2.63 -4.03 8.59
C VAL A 394 1.70 -5.24 8.82
N ARG A 395 1.71 -6.18 7.89
CA ARG A 395 0.83 -7.35 7.95
C ARG A 395 1.60 -8.60 8.37
N ASP A 396 1.39 -9.02 9.63
CA ASP A 396 2.09 -10.20 10.17
C ASP A 396 1.57 -11.49 9.54
N ASN A 397 0.25 -11.57 9.34
CA ASN A 397 -0.36 -12.63 8.55
C ASN A 397 -0.35 -12.14 7.11
N PRO A 398 0.39 -12.83 6.23
CA PRO A 398 0.59 -12.42 4.84
C PRO A 398 -0.60 -12.70 3.92
N ASP A 399 -1.68 -13.27 4.44
CA ASP A 399 -2.75 -13.78 3.57
C ASP A 399 -3.68 -12.72 2.97
N GLN A 400 -4.59 -13.18 2.11
CA GLN A 400 -5.47 -12.31 1.33
C GLN A 400 -6.48 -11.49 2.12
N THR A 401 -6.62 -11.78 3.43
CA THR A 401 -7.55 -11.02 4.27
C THR A 401 -7.01 -9.65 4.71
N MET A 402 -5.72 -9.41 4.48
CA MET A 402 -5.09 -8.14 4.84
C MET A 402 -5.39 -7.76 6.30
N THR A 403 -5.22 -8.74 7.20
CA THR A 403 -5.59 -8.56 8.60
C THR A 403 -4.49 -7.81 9.36
N VAL A 404 -4.87 -6.79 10.13
CA VAL A 404 -3.92 -6.06 10.97
C VAL A 404 -4.36 -6.16 12.44
N ASP A 405 -3.38 -6.14 13.33
CA ASP A 405 -3.61 -6.22 14.77
C ASP A 405 -3.59 -4.81 15.38
N PRO A 406 -4.77 -4.31 15.79
CA PRO A 406 -4.86 -2.97 16.36
C PRO A 406 -4.06 -2.79 17.66
N CYS A 407 -3.68 -3.89 18.30
CA CYS A 407 -2.83 -3.85 19.50
C CYS A 407 -1.38 -3.50 19.16
N ASN A 408 -0.98 -3.76 17.92
CA ASN A 408 0.41 -3.61 17.49
C ASN A 408 0.55 -2.94 16.11
N LEU A 409 -0.25 -1.90 15.87
CA LEU A 409 -0.31 -1.27 14.55
C LEU A 409 1.01 -0.57 14.19
N GLN A 410 1.52 -0.88 13.02
CA GLN A 410 2.69 -0.20 12.46
C GLN A 410 2.47 0.11 11.00
N PHE A 411 3.06 1.21 10.52
CA PHE A 411 2.83 1.69 9.17
C PHE A 411 4.17 1.94 8.46
N LEU A 412 4.43 1.15 7.42
CA LEU A 412 5.58 1.37 6.54
C LEU A 412 5.15 2.36 5.45
N TYR A 413 5.73 3.57 5.51
CA TYR A 413 5.33 4.65 4.60
C TYR A 413 6.52 5.20 3.82
N GLN A 414 6.23 6.00 2.81
CA GLN A 414 7.25 6.78 2.13
C GLN A 414 7.21 8.24 2.58
N GLY A 415 8.39 8.79 2.81
CA GLY A 415 8.52 10.20 3.19
C GLY A 415 9.65 10.81 2.39
N LYS A 416 9.82 12.13 2.50
CA LYS A 416 10.90 12.81 1.80
C LYS A 416 11.34 14.06 2.58
N SER A 417 12.57 14.49 2.35
CA SER A 417 13.04 15.74 2.95
C SER A 417 12.13 16.90 2.53
N PRO A 418 11.73 17.73 3.49
CA PRO A 418 10.94 18.93 3.15
C PRO A 418 11.68 19.88 2.21
N ASN A 419 13.00 19.77 2.13
CA ASN A 419 13.78 20.65 1.26
C ASN A 419 13.91 20.17 -0.18
N ALA A 420 13.47 18.94 -0.43
CA ALA A 420 13.57 18.34 -1.76
C ALA A 420 12.54 18.90 -2.72
N GLY A 421 12.99 19.31 -3.89
CA GLY A 421 12.11 19.88 -4.91
C GLY A 421 12.37 19.24 -6.26
N GLY A 422 11.83 19.86 -7.31
CA GLY A 422 12.01 19.36 -8.67
C GLY A 422 10.79 18.61 -9.15
N ASP A 423 10.95 17.88 -10.25
CA ASP A 423 9.85 17.12 -10.83
C ASP A 423 9.42 16.01 -9.87
N TYR A 424 8.11 15.78 -9.79
CA TYR A 424 7.56 14.74 -8.92
C TYR A 424 8.28 13.40 -9.05
N ASN A 425 8.51 12.97 -10.29
CA ASN A 425 9.09 11.66 -10.56
C ASN A 425 10.53 11.50 -10.09
N SER A 426 11.19 12.62 -9.81
CA SER A 426 12.57 12.61 -9.34
C SER A 426 12.70 12.77 -7.81
N LEU A 427 11.58 12.97 -7.12
CA LEU A 427 11.58 13.22 -5.67
C LEU A 427 12.23 12.07 -4.89
N PRO A 428 13.07 12.40 -3.90
CA PRO A 428 13.83 11.37 -3.17
C PRO A 428 13.00 10.75 -2.03
N TRP A 429 12.01 9.93 -2.40
CA TRP A 429 11.22 9.20 -1.42
C TRP A 429 12.05 8.13 -0.71
N ARG A 430 11.73 7.90 0.56
CA ARG A 430 12.48 6.96 1.41
C ARG A 430 11.50 6.23 2.32
N PRO A 431 11.84 5.00 2.75
CA PRO A 431 10.99 4.29 3.74
C PRO A 431 11.15 4.76 5.19
N GLY A 432 10.04 4.79 5.91
CA GLY A 432 10.03 5.02 7.35
C GLY A 432 8.98 4.11 7.94
N VAL A 433 9.03 3.89 9.25
CA VAL A 433 7.98 3.12 9.92
C VAL A 433 7.41 3.88 11.12
N LEU A 434 6.09 3.99 11.15
CA LEU A 434 5.37 4.49 12.31
C LEU A 434 4.91 3.34 13.18
N THR A 435 4.98 3.54 14.49
CA THR A 435 4.48 2.58 15.48
C THR A 435 3.44 3.30 16.33
N LEU A 436 2.27 2.68 16.47
CA LEU A 436 1.19 3.32 17.20
C LEU A 436 1.50 3.36 18.69
N ARG A 437 1.34 4.54 19.29
CA ARG A 437 1.56 4.71 20.72
C ARG A 437 0.24 4.55 21.45
N ARG A 438 0.17 3.53 22.31
CA ARG A 438 -1.04 3.24 23.08
C ARG A 438 -0.84 3.58 24.55
#